data_2P59
#
_entry.id   2P59
#
_cell.length_a   225.870
_cell.length_b   225.870
_cell.length_c   75.710
_cell.angle_alpha   90.00
_cell.angle_beta   90.00
_cell.angle_gamma   120.00
#
_symmetry.space_group_name_H-M   'H 3 2'
#
loop_
_entity.id
_entity.type
_entity.pdbx_description
1 polymer NS3
2 polymer peptide
3 non-polymer (2S,3AS,7AS)-1-[(2S)-2-{[(2S)-2-CYCLOHEXYL-2-({[(2R)-4-NITRO-2H-PYRROL-2-YL]CARBONYL}AMINO)ACETYL]AMINO}-3,3-DIMETHYLBUTANOYL]-N-{(1S)-1-[(1R)-2-(CYCLOPROPYLAMINO)-1-HYDROXY-2-OXOETHYL]BUTYL}OCTAHYDRO-1H-INDOLE-2-CARBOXAMIDE
#
loop_
_entity_poly.entity_id
_entity_poly.type
_entity_poly.pdbx_seq_one_letter_code
_entity_poly.pdbx_strand_id
1 'polypeptide(L)'
;APITAYAQQTRGLLGCIITSLTGRDKNQVEGEVQIVSTATQTFLATCINGVCWTVYHGAGTRTIASPKGPVIQMYTNVDQ
DLVGWPAPQGSRSLTPCTCGSSDLYLVTRHADVIPVRRRGDSRGSLLSPRPISYLKGSSGGPLLCPAGHAVGLFRAAVCT
RGVAKAVDFIPVENLETTMRS
;
A,B
2 'polypeptide(L)' KGSVVIVGRIVLSGKPAIIPA C,D
#
# COMPACT_ATOMS: atom_id res chain seq x y z
N VAL A 29 12.61 8.81 3.60
CA VAL A 29 11.14 8.56 3.71
C VAL A 29 10.40 9.67 3.00
N GLU A 30 9.62 9.33 1.97
CA GLU A 30 8.88 10.33 1.21
C GLU A 30 7.38 10.32 1.50
N GLY A 31 6.74 11.48 1.38
CA GLY A 31 5.33 11.57 1.66
C GLY A 31 4.50 11.82 0.40
N GLU A 32 3.32 11.23 0.32
CA GLU A 32 2.43 11.46 -0.81
C GLU A 32 1.68 12.77 -0.58
N VAL A 33 1.39 13.04 0.69
CA VAL A 33 0.55 14.15 1.08
C VAL A 33 1.38 15.22 1.78
N GLN A 34 1.50 16.39 1.17
CA GLN A 34 2.17 17.49 1.85
C GLN A 34 1.18 18.43 2.50
N ILE A 35 1.56 18.90 3.69
CA ILE A 35 0.76 19.86 4.45
C ILE A 35 1.18 21.29 4.09
N VAL A 36 0.39 21.96 3.26
CA VAL A 36 0.77 23.30 2.78
C VAL A 36 0.09 24.41 3.54
N SER A 37 0.41 25.64 3.16
CA SER A 37 0.09 26.77 4.02
C SER A 37 0.29 28.10 3.31
N THR A 38 -0.79 28.88 3.28
CA THR A 38 -0.79 30.27 2.83
C THR A 38 -0.68 31.15 4.08
N ALA A 39 -0.45 32.45 3.90
CA ALA A 39 -0.39 33.37 5.03
C ALA A 39 -1.69 33.34 5.82
N THR A 40 -2.80 33.13 5.11
CA THR A 40 -4.12 33.39 5.66
C THR A 40 -4.96 32.12 5.82
N GLN A 41 -4.37 30.97 5.52
CA GLN A 41 -5.16 29.75 5.37
C GLN A 41 -4.22 28.55 5.29
N THR A 42 -4.67 27.39 5.76
CA THR A 42 -3.84 26.18 5.69
C THR A 42 -4.63 24.95 5.24
N PHE A 43 -4.06 24.20 4.30
CA PHE A 43 -4.73 23.02 3.76
C PHE A 43 -3.72 21.90 3.46
N LEU A 44 -4.09 20.98 2.57
CA LEU A 44 -3.16 19.92 2.16
C LEU A 44 -3.01 19.92 0.65
N ALA A 45 -1.95 19.28 0.17
CA ALA A 45 -1.83 18.97 -1.25
C ALA A 45 -1.56 17.46 -1.39
N THR A 46 -2.04 16.88 -2.47
CA THR A 46 -1.77 15.46 -2.75
C THR A 46 -0.95 15.34 -4.01
N CYS A 47 0.09 14.51 -3.98
CA CYS A 47 0.91 14.28 -5.16
C CYS A 47 0.36 13.11 -5.94
N ILE A 48 -0.06 13.35 -7.17
CA ILE A 48 -0.54 12.27 -8.04
C ILE A 48 0.04 12.39 -9.46
N ASN A 49 0.64 11.31 -9.93
CA ASN A 49 1.24 11.28 -11.25
C ASN A 49 2.24 12.42 -11.43
N GLY A 50 3.03 12.70 -10.40
CA GLY A 50 4.15 13.61 -10.55
C GLY A 50 3.77 15.07 -10.41
N VAL A 51 2.47 15.33 -10.37
CA VAL A 51 1.93 16.65 -10.08
C VAL A 51 1.59 16.74 -8.59
N CYS A 52 1.81 17.91 -8.00
CA CYS A 52 1.36 18.16 -6.63
C CYS A 52 0.04 18.92 -6.68
N TRP A 53 -1.07 18.22 -6.45
CA TRP A 53 -2.39 18.83 -6.58
C TRP A 53 -2.94 19.39 -5.29
N THR A 54 -3.83 20.37 -5.42
CA THR A 54 -4.55 20.91 -4.27
C THR A 54 -5.69 21.81 -4.74
N VAL A 55 -6.40 22.40 -3.78
CA VAL A 55 -7.64 23.11 -4.08
C VAL A 55 -7.41 24.57 -4.45
N TYR A 56 -8.09 25.01 -5.50
CA TYR A 56 -7.97 26.38 -5.99
C TYR A 56 -8.40 27.42 -4.97
N HIS A 57 -9.40 27.09 -4.15
CA HIS A 57 -9.89 28.05 -3.17
C HIS A 57 -8.92 28.18 -2.00
N GLY A 58 -7.80 27.46 -2.09
CA GLY A 58 -6.79 27.57 -1.07
C GLY A 58 -5.51 28.17 -1.62
N ALA A 59 -5.09 27.70 -2.79
CA ALA A 59 -3.84 28.14 -3.41
C ALA A 59 -4.05 29.36 -4.30
N GLY A 60 -5.21 29.43 -4.95
CA GLY A 60 -5.46 30.49 -5.90
C GLY A 60 -4.54 30.30 -7.08
N THR A 61 -3.88 31.38 -7.51
CA THR A 61 -2.92 31.26 -8.59
C THR A 61 -1.51 31.31 -8.06
N ARG A 62 -1.36 31.02 -6.76
CA ARG A 62 -0.09 31.24 -6.11
C ARG A 62 1.01 30.36 -6.68
N THR A 63 2.25 30.59 -6.25
CA THR A 63 3.35 29.72 -6.59
C THR A 63 3.68 28.90 -5.36
N ILE A 64 4.20 27.68 -5.56
CA ILE A 64 4.67 26.89 -4.42
C ILE A 64 6.15 27.18 -4.17
N ALA A 65 6.52 27.36 -2.91
CA ALA A 65 7.89 27.70 -2.57
C ALA A 65 8.83 26.53 -2.86
N SER A 66 10.09 26.85 -3.17
CA SER A 66 11.12 25.81 -3.30
C SER A 66 12.49 26.38 -2.89
N PRO A 67 13.48 25.51 -2.69
CA PRO A 67 14.79 26.02 -2.25
C PRO A 67 15.51 26.81 -3.34
N LYS A 68 14.91 26.86 -4.53
CA LYS A 68 15.45 27.59 -5.66
C LYS A 68 14.54 28.73 -6.13
N GLY A 69 13.58 29.10 -5.28
CA GLY A 69 12.67 30.17 -5.64
C GLY A 69 11.28 29.68 -6.03
N PRO A 70 10.30 30.59 -6.17
CA PRO A 70 8.92 30.18 -6.37
C PRO A 70 8.72 29.40 -7.66
N VAL A 71 7.88 28.38 -7.61
CA VAL A 71 7.56 27.56 -8.78
C VAL A 71 6.09 27.72 -9.12
N ILE A 72 5.78 27.93 -10.40
CA ILE A 72 4.44 28.26 -10.83
C ILE A 72 3.60 27.01 -11.13
N GLN A 73 2.28 27.15 -11.03
CA GLN A 73 1.36 26.05 -11.28
C GLN A 73 1.48 25.54 -12.72
N MET A 74 1.61 24.22 -12.88
CA MET A 74 1.53 23.59 -14.20
C MET A 74 0.09 23.58 -14.71
N TYR A 75 -0.85 23.53 -13.77
CA TYR A 75 -2.26 23.44 -14.10
C TYR A 75 -3.09 24.34 -13.19
N THR A 76 -3.99 25.11 -13.79
CA THR A 76 -5.00 25.83 -13.03
C THR A 76 -6.33 25.58 -13.72
N ASN A 77 -7.34 25.19 -12.93
CA ASN A 77 -8.64 24.86 -13.48
C ASN A 77 -9.70 25.35 -12.49
N VAL A 78 -9.90 26.66 -12.44
CA VAL A 78 -10.76 27.28 -11.43
C VAL A 78 -12.13 26.62 -11.44
N ASP A 79 -12.50 26.05 -12.59
CA ASP A 79 -13.80 25.40 -12.77
C ASP A 79 -13.99 24.22 -11.83
N GLN A 80 -12.95 23.40 -11.71
CA GLN A 80 -13.02 22.20 -10.88
C GLN A 80 -12.35 22.39 -9.53
N ASP A 81 -12.00 23.64 -9.23
CA ASP A 81 -11.39 24.00 -7.94
C ASP A 81 -10.05 23.29 -7.73
N LEU A 82 -9.20 23.35 -8.76
CA LEU A 82 -8.01 22.51 -8.85
C LEU A 82 -6.80 23.29 -9.38
N VAL A 83 -5.68 23.20 -8.66
CA VAL A 83 -4.39 23.65 -9.19
C VAL A 83 -3.39 22.52 -9.06
N GLY A 84 -2.32 22.56 -9.84
CA GLY A 84 -1.26 21.58 -9.71
C GLY A 84 0.10 22.15 -10.06
N TRP A 85 1.07 21.97 -9.17
CA TRP A 85 2.47 22.32 -9.44
C TRP A 85 3.20 21.02 -9.74
N PRO A 86 4.49 21.10 -10.15
CA PRO A 86 5.39 19.94 -10.15
C PRO A 86 5.62 19.41 -8.73
N ALA A 87 5.77 18.10 -8.59
CA ALA A 87 5.91 17.51 -7.26
C ALA A 87 7.21 17.96 -6.61
N PRO A 88 7.16 18.43 -5.36
CA PRO A 88 8.33 18.92 -4.61
C PRO A 88 9.27 17.79 -4.24
N GLN A 89 10.45 18.15 -3.74
CA GLN A 89 11.33 17.16 -3.13
C GLN A 89 10.71 16.63 -1.83
N GLY A 90 10.96 15.36 -1.54
CA GLY A 90 10.38 14.77 -0.33
C GLY A 90 8.96 14.33 -0.61
N SER A 91 8.63 14.10 -1.87
CA SER A 91 7.31 13.59 -2.21
C SER A 91 7.34 12.33 -3.06
N ARG A 92 6.22 11.61 -3.07
CA ARG A 92 6.07 10.28 -3.64
C ARG A 92 4.66 10.40 -4.21
N SER A 93 4.49 10.08 -5.49
CA SER A 93 3.17 10.21 -6.11
C SER A 93 2.23 9.06 -5.77
N LEU A 94 0.94 9.38 -5.68
CA LEU A 94 -0.10 8.38 -5.45
C LEU A 94 -0.58 7.83 -6.77
N THR A 95 -1.05 6.58 -6.73
CA THR A 95 -1.56 5.93 -7.93
C THR A 95 -3.07 6.16 -8.09
N PRO A 96 -3.51 6.42 -9.32
CA PRO A 96 -4.94 6.61 -9.60
C PRO A 96 -5.73 5.32 -9.35
N CYS A 97 -6.89 5.45 -8.74
CA CYS A 97 -7.70 4.28 -8.44
C CYS A 97 -8.18 3.60 -9.71
N THR A 98 -8.27 2.28 -9.64
CA THR A 98 -8.85 1.49 -10.71
C THR A 98 -9.74 0.40 -10.08
N CYS A 99 -9.83 0.47 -8.74
CA CYS A 99 -10.61 -0.46 -7.92
C CYS A 99 -12.13 -0.28 -8.14
N GLY A 100 -12.53 0.92 -8.58
CA GLY A 100 -13.94 1.23 -8.80
C GLY A 100 -14.75 1.28 -7.52
N SER A 101 -14.09 1.06 -6.39
CA SER A 101 -14.77 0.85 -5.11
C SER A 101 -15.65 2.03 -4.68
N SER A 102 -16.57 1.75 -3.75
CA SER A 102 -17.41 2.77 -3.15
C SER A 102 -17.06 2.99 -1.69
N ASP A 103 -16.07 2.26 -1.19
CA ASP A 103 -15.63 2.46 0.18
C ASP A 103 -14.33 3.25 0.22
N LEU A 104 -14.46 4.56 0.39
CA LEU A 104 -13.33 5.46 0.38
C LEU A 104 -12.85 5.71 1.80
N TYR A 105 -11.74 6.41 1.94
CA TYR A 105 -11.18 6.79 3.23
C TYR A 105 -10.53 8.14 3.07
N LEU A 106 -10.93 9.09 3.89
CA LEU A 106 -10.41 10.44 3.78
C LEU A 106 -9.29 10.58 4.81
N VAL A 107 -8.16 11.12 4.38
CA VAL A 107 -7.05 11.35 5.29
C VAL A 107 -7.01 12.83 5.63
N THR A 108 -7.04 13.16 6.92
CA THR A 108 -7.08 14.56 7.35
C THR A 108 -5.66 15.08 7.53
N ARG A 109 -5.53 16.37 7.81
CA ARG A 109 -4.23 16.98 7.96
C ARG A 109 -3.53 16.53 9.24
N HIS A 110 -4.26 15.79 10.08
CA HIS A 110 -3.70 15.17 11.28
C HIS A 110 -3.39 13.69 11.04
N ALA A 111 -3.59 13.25 9.80
CA ALA A 111 -3.30 11.89 9.39
C ALA A 111 -4.36 10.96 9.94
N ASP A 112 -5.51 11.52 10.27
CA ASP A 112 -6.66 10.71 10.65
C ASP A 112 -7.27 10.08 9.41
N VAL A 113 -7.76 8.86 9.55
CA VAL A 113 -8.45 8.20 8.43
C VAL A 113 -9.95 8.17 8.70
N ILE A 114 -10.71 8.74 7.78
CA ILE A 114 -12.16 8.82 7.90
C ILE A 114 -12.81 7.99 6.80
N PRO A 115 -13.50 6.91 7.17
CA PRO A 115 -14.20 6.10 6.15
C PRO A 115 -15.38 6.89 5.56
N VAL A 116 -15.50 6.85 4.24
CA VAL A 116 -16.59 7.50 3.55
C VAL A 116 -17.20 6.58 2.50
N ARG A 117 -18.51 6.40 2.53
CA ARG A 117 -19.17 5.67 1.47
C ARG A 117 -19.39 6.65 0.33
N ARG A 118 -19.19 6.19 -0.90
CA ARG A 118 -19.32 7.08 -2.05
C ARG A 118 -20.76 7.11 -2.53
N ARG A 119 -21.26 8.31 -2.79
CA ARG A 119 -22.64 8.48 -3.23
C ARG A 119 -22.74 8.85 -4.72
N GLY A 120 -21.76 9.61 -5.19
CA GLY A 120 -21.78 10.02 -6.59
C GLY A 120 -20.39 10.28 -7.14
N ASP A 121 -20.31 10.67 -8.41
CA ASP A 121 -19.04 10.93 -9.06
C ASP A 121 -18.09 11.73 -8.19
N SER A 122 -18.65 12.62 -7.35
CA SER A 122 -17.84 13.53 -6.57
C SER A 122 -18.45 13.83 -5.19
N ARG A 123 -19.15 12.84 -4.64
CA ARG A 123 -19.81 13.02 -3.35
C ARG A 123 -19.72 11.74 -2.52
N GLY A 124 -19.55 11.90 -1.21
CA GLY A 124 -19.50 10.76 -0.33
C GLY A 124 -19.89 11.11 1.10
N SER A 125 -20.45 10.14 1.79
CA SER A 125 -21.05 10.35 3.11
C SER A 125 -20.22 9.69 4.21
N LEU A 126 -19.77 10.49 5.18
CA LEU A 126 -19.02 9.90 6.29
C LEU A 126 -19.79 8.73 6.88
N LEU A 127 -19.08 7.69 7.30
CA LEU A 127 -19.75 6.57 7.95
C LEU A 127 -20.11 6.95 9.37
N SER A 128 -19.30 7.81 9.98
CA SER A 128 -19.61 8.39 11.29
C SER A 128 -19.33 9.89 11.27
N PRO A 129 -20.37 10.71 11.18
CA PRO A 129 -20.16 12.15 11.03
C PRO A 129 -19.32 12.71 12.18
N ARG A 130 -18.38 13.58 11.85
CA ARG A 130 -17.51 14.18 12.86
C ARG A 130 -17.85 15.65 12.96
N PRO A 131 -17.46 16.29 14.08
CA PRO A 131 -17.60 17.74 14.15
C PRO A 131 -16.95 18.33 12.92
N ILE A 132 -17.22 19.59 12.64
CA ILE A 132 -16.72 20.15 11.40
C ILE A 132 -15.24 20.44 11.60
N SER A 133 -14.86 20.74 12.84
CA SER A 133 -13.48 21.08 13.18
C SER A 133 -12.52 19.93 12.86
N TYR A 134 -13.02 18.70 12.96
CA TYR A 134 -12.22 17.51 12.71
C TYR A 134 -11.73 17.46 11.26
N LEU A 135 -12.58 17.87 10.32
CA LEU A 135 -12.23 17.87 8.91
C LEU A 135 -11.54 19.15 8.48
N LYS A 136 -11.46 20.14 9.37
CA LYS A 136 -10.92 21.46 9.04
C LYS A 136 -9.45 21.41 8.63
N GLY A 137 -9.11 22.15 7.57
CA GLY A 137 -7.74 22.22 7.11
C GLY A 137 -7.27 20.99 6.34
N SER A 138 -8.20 20.10 6.02
CA SER A 138 -7.82 18.85 5.39
C SER A 138 -8.31 18.77 3.96
N SER A 139 -8.54 19.91 3.33
CA SER A 139 -8.96 19.86 1.93
C SER A 139 -7.75 19.93 1.00
N GLY A 140 -7.83 19.26 -0.14
CA GLY A 140 -6.65 19.03 -0.94
C GLY A 140 -6.06 17.69 -0.57
N GLY A 141 -6.52 17.13 0.54
CA GLY A 141 -6.13 15.78 0.93
C GLY A 141 -6.75 14.69 0.03
N PRO A 142 -6.27 13.44 0.14
CA PRO A 142 -6.71 12.34 -0.72
C PRO A 142 -7.95 11.58 -0.20
N LEU A 143 -8.80 11.11 -1.10
CA LEU A 143 -9.73 10.04 -0.76
C LEU A 143 -9.17 8.77 -1.39
N LEU A 144 -8.91 7.76 -0.56
CA LEU A 144 -8.28 6.53 -1.02
C LEU A 144 -9.32 5.43 -1.13
N CYS A 145 -9.16 4.50 -2.07
CA CYS A 145 -9.95 3.26 -2.06
C CYS A 145 -9.28 2.23 -1.13
N PRO A 146 -9.90 1.04 -0.96
CA PRO A 146 -9.30 0.06 -0.05
C PRO A 146 -7.83 -0.26 -0.36
N ALA A 147 -7.44 -0.13 -1.62
CA ALA A 147 -6.08 -0.46 -2.02
C ALA A 147 -5.08 0.67 -1.71
N GLY A 148 -5.57 1.77 -1.14
CA GLY A 148 -4.68 2.89 -0.85
C GLY A 148 -4.56 3.88 -2.00
N HIS A 149 -5.12 3.54 -3.16
CA HIS A 149 -5.02 4.40 -4.33
C HIS A 149 -5.98 5.60 -4.30
N ALA A 150 -5.62 6.65 -5.03
CA ALA A 150 -6.37 7.90 -5.01
C ALA A 150 -7.65 7.80 -5.82
N VAL A 151 -8.75 8.21 -5.18
CA VAL A 151 -10.04 8.26 -5.84
C VAL A 151 -10.38 9.72 -6.14
N GLY A 152 -9.93 10.62 -5.27
CA GLY A 152 -10.15 12.03 -5.49
C GLY A 152 -9.46 12.90 -4.45
N LEU A 153 -9.58 14.22 -4.59
CA LEU A 153 -9.08 15.12 -3.56
C LEU A 153 -10.27 15.67 -2.79
N PHE A 154 -10.18 15.60 -1.46
CA PHE A 154 -11.19 16.24 -0.62
C PHE A 154 -11.31 17.72 -0.95
N ARG A 155 -12.52 18.14 -1.32
CA ARG A 155 -12.76 19.46 -1.88
C ARG A 155 -13.48 20.41 -0.92
N ALA A 156 -14.58 19.94 -0.34
CA ALA A 156 -15.32 20.72 0.67
C ALA A 156 -16.23 19.81 1.51
N ALA A 157 -16.43 20.17 2.77
CA ALA A 157 -17.28 19.40 3.68
C ALA A 157 -18.73 19.88 3.63
N VAL A 158 -19.67 18.94 3.63
CA VAL A 158 -21.10 19.26 3.65
C VAL A 158 -21.65 19.15 5.07
N CYS A 159 -21.98 20.28 5.68
CA CYS A 159 -22.38 20.29 7.08
C CYS A 159 -23.86 20.55 7.31
N THR A 160 -24.41 19.87 8.31
CA THR A 160 -25.66 20.28 8.91
C THR A 160 -25.39 20.75 10.33
N ARG A 161 -25.39 22.06 10.53
CA ARG A 161 -25.27 22.63 11.87
C ARG A 161 -23.93 22.31 12.53
N GLY A 162 -22.85 22.46 11.77
CA GLY A 162 -21.53 22.24 12.34
C GLY A 162 -21.08 20.79 12.36
N VAL A 163 -21.90 19.88 11.87
CA VAL A 163 -21.53 18.47 11.82
C VAL A 163 -21.31 17.97 10.40
N ALA A 164 -20.06 17.80 10.00
CA ALA A 164 -19.75 17.26 8.68
C ALA A 164 -20.36 15.86 8.57
N LYS A 165 -21.20 15.64 7.56
CA LYS A 165 -21.86 14.34 7.39
C LYS A 165 -21.46 13.76 6.05
N ALA A 166 -20.92 14.61 5.18
CA ALA A 166 -20.51 14.17 3.85
C ALA A 166 -19.49 15.14 3.26
N VAL A 167 -18.90 14.76 2.14
CA VAL A 167 -17.84 15.56 1.54
C VAL A 167 -17.97 15.65 0.03
N ASP A 168 -17.57 16.80 -0.51
CA ASP A 168 -17.35 16.93 -1.94
C ASP A 168 -15.90 16.58 -2.28
N PHE A 169 -15.67 16.07 -3.48
CA PHE A 169 -14.31 15.81 -3.91
C PHE A 169 -14.11 15.85 -5.41
N ILE A 170 -12.92 16.27 -5.82
CA ILE A 170 -12.54 16.28 -7.23
C ILE A 170 -12.11 14.87 -7.64
N PRO A 171 -12.99 14.13 -8.34
CA PRO A 171 -12.60 12.78 -8.73
C PRO A 171 -11.29 12.79 -9.51
N VAL A 172 -10.47 11.77 -9.31
CA VAL A 172 -9.13 11.73 -9.88
C VAL A 172 -9.20 11.77 -11.43
N GLU A 173 -10.28 11.24 -11.99
CA GLU A 173 -10.51 11.30 -13.43
C GLU A 173 -10.34 12.73 -13.93
N ASN A 174 -10.71 13.70 -13.09
CA ASN A 174 -10.58 15.11 -13.47
C ASN A 174 -9.11 15.50 -13.57
N LEU A 175 -8.31 15.06 -12.59
CA LEU A 175 -6.87 15.32 -12.62
C LEU A 175 -6.23 14.75 -13.87
N GLU A 176 -6.59 13.51 -14.20
CA GLU A 176 -5.99 12.79 -15.31
C GLU A 176 -6.28 13.45 -16.66
N THR A 177 -7.46 14.06 -16.76
CA THR A 177 -7.83 14.75 -18.00
C THR A 177 -7.28 16.18 -18.02
N THR A 178 -7.24 16.84 -16.86
CA THR A 178 -6.62 18.16 -16.74
C THR A 178 -5.18 18.14 -17.26
N MET A 179 -4.53 16.98 -17.13
CA MET A 179 -3.19 16.78 -17.66
C MET A 179 -3.18 16.61 -19.19
N ALA B 1 -9.72 0.53 7.49
CA ALA B 1 -8.81 1.51 6.82
C ALA B 1 -8.26 0.93 5.50
N PRO B 2 -7.66 1.78 4.65
CA PRO B 2 -7.13 1.29 3.37
C PRO B 2 -5.82 0.52 3.59
N ILE B 3 -5.59 -0.48 2.75
CA ILE B 3 -4.36 -1.26 2.82
C ILE B 3 -3.17 -0.43 2.36
N THR B 4 -2.11 -0.44 3.17
CA THR B 4 -0.91 0.29 2.82
C THR B 4 0.26 -0.59 3.17
N ALA B 5 1.29 -0.57 2.33
CA ALA B 5 2.48 -1.36 2.55
C ALA B 5 3.72 -0.50 2.34
N TYR B 6 4.77 -0.77 3.11
CA TYR B 6 6.10 -0.29 2.74
C TYR B 6 7.17 -1.38 2.87
N ALA B 7 8.23 -1.23 2.09
CA ALA B 7 9.31 -2.19 2.09
C ALA B 7 10.54 -1.59 2.78
N GLN B 8 11.30 -2.44 3.46
CA GLN B 8 12.58 -2.06 4.02
C GLN B 8 13.59 -3.16 3.73
N GLN B 9 14.71 -2.81 3.12
CA GLN B 9 15.77 -3.78 2.90
C GLN B 9 16.59 -3.95 4.17
N THR B 10 17.00 -5.17 4.47
CA THR B 10 17.65 -5.43 5.76
C THR B 10 19.05 -6.04 5.64
N ARG B 11 19.40 -6.51 4.44
CA ARG B 11 20.79 -6.84 4.17
C ARG B 11 21.13 -6.96 2.68
N GLY B 12 22.43 -6.85 2.39
CA GLY B 12 22.91 -6.92 1.02
C GLY B 12 23.35 -8.34 0.67
N LEU B 13 23.83 -8.54 -0.55
CA LEU B 13 24.03 -9.90 -1.03
C LEU B 13 25.18 -10.61 -0.36
N LEU B 14 26.24 -9.89 -0.05
CA LEU B 14 27.36 -10.53 0.63
C LEU B 14 26.99 -10.95 2.05
N GLY B 15 26.01 -10.27 2.63
CA GLY B 15 25.55 -10.67 3.96
C GLY B 15 24.50 -11.76 3.87
N CYS B 16 23.66 -11.68 2.84
CA CYS B 16 22.70 -12.75 2.54
C CYS B 16 23.44 -14.05 2.34
N ILE B 17 24.54 -14.01 1.58
CA ILE B 17 25.31 -15.22 1.25
C ILE B 17 25.95 -15.86 2.47
N ILE B 18 26.63 -15.06 3.27
CA ILE B 18 27.28 -15.57 4.48
C ILE B 18 26.24 -16.18 5.42
N THR B 19 25.05 -15.59 5.45
CA THR B 19 23.98 -16.00 6.37
C THR B 19 23.27 -17.22 5.80
N SER B 20 23.26 -17.31 4.48
CA SER B 20 22.72 -18.47 3.78
C SER B 20 23.44 -19.72 4.28
N LEU B 21 24.77 -19.65 4.24
CA LEU B 21 25.62 -20.77 4.65
C LEU B 21 25.61 -20.99 6.17
N THR B 22 26.00 -19.98 6.94
CA THR B 22 26.03 -20.13 8.38
C THR B 22 24.65 -20.52 8.92
N GLY B 23 23.61 -20.19 8.14
CA GLY B 23 22.24 -20.48 8.56
C GLY B 23 21.85 -19.77 9.85
N ARG B 24 22.74 -18.93 10.35
CA ARG B 24 22.45 -18.15 11.54
C ARG B 24 22.14 -16.71 11.17
N ASP B 25 20.99 -16.21 11.61
CA ASP B 25 20.60 -14.84 11.32
C ASP B 25 20.19 -14.12 12.58
N LYS B 26 20.86 -13.00 12.86
CA LYS B 26 20.70 -12.29 14.12
C LYS B 26 19.91 -11.00 13.99
N ASN B 27 19.51 -10.65 12.77
CA ASN B 27 18.72 -9.45 12.54
C ASN B 27 17.40 -9.52 13.26
N GLN B 28 16.81 -8.36 13.57
CA GLN B 28 15.49 -8.32 14.21
C GLN B 28 14.45 -8.45 13.12
N VAL B 29 13.35 -9.15 13.43
CA VAL B 29 12.31 -9.33 12.44
C VAL B 29 11.08 -8.49 12.76
N GLU B 30 10.52 -7.88 11.73
CA GLU B 30 9.29 -7.13 11.88
C GLU B 30 8.37 -7.35 10.69
N GLY B 31 7.08 -7.18 10.91
CA GLY B 31 6.16 -7.14 9.79
C GLY B 31 5.51 -8.47 9.47
N GLU B 32 4.59 -8.45 8.51
CA GLU B 32 3.78 -9.60 8.19
C GLU B 32 4.40 -10.37 7.05
N VAL B 33 5.02 -9.63 6.13
CA VAL B 33 5.58 -10.25 4.92
C VAL B 33 7.10 -10.11 4.94
N GLN B 34 7.80 -11.23 4.96
CA GLN B 34 9.26 -11.20 4.89
C GLN B 34 9.68 -11.22 3.43
N ILE B 35 10.76 -10.52 3.11
CA ILE B 35 11.39 -10.68 1.80
C ILE B 35 12.54 -11.67 1.92
N VAL B 36 12.30 -12.89 1.43
CA VAL B 36 13.28 -13.95 1.56
C VAL B 36 14.06 -14.11 0.26
N SER B 37 15.28 -14.58 0.39
CA SER B 37 16.16 -14.74 -0.74
C SER B 37 16.90 -16.05 -0.59
N THR B 38 17.15 -16.71 -1.71
CA THR B 38 18.07 -17.84 -1.74
C THR B 38 19.24 -17.42 -2.63
N ALA B 39 20.18 -18.32 -2.83
CA ALA B 39 21.31 -18.01 -3.69
C ALA B 39 20.83 -17.71 -5.10
N THR B 40 19.88 -18.49 -5.59
CA THR B 40 19.40 -18.31 -6.96
C THR B 40 18.31 -17.26 -7.06
N GLN B 41 17.20 -17.45 -6.36
CA GLN B 41 16.06 -16.56 -6.50
C GLN B 41 15.62 -15.87 -5.22
N THR B 42 14.81 -14.82 -5.38
CA THR B 42 14.29 -14.10 -4.23
C THR B 42 12.79 -13.80 -4.36
N PHE B 43 12.11 -13.78 -3.23
CA PHE B 43 10.66 -13.68 -3.22
C PHE B 43 10.08 -13.31 -1.86
N LEU B 44 8.91 -13.84 -1.57
CA LEU B 44 8.18 -13.44 -0.37
C LEU B 44 7.66 -14.62 0.43
N ALA B 45 7.67 -14.46 1.75
CA ALA B 45 7.03 -15.40 2.65
C ALA B 45 6.06 -14.57 3.47
N THR B 46 4.94 -15.17 3.84
CA THR B 46 3.91 -14.41 4.55
C THR B 46 3.59 -15.11 5.87
N CYS B 47 3.52 -14.36 6.96
CA CYS B 47 3.16 -14.98 8.21
C CYS B 47 1.65 -15.01 8.37
N ILE B 48 1.11 -16.19 8.61
CA ILE B 48 -0.29 -16.32 8.91
C ILE B 48 -0.44 -17.27 10.09
N ASN B 49 -1.27 -16.89 11.05
CA ASN B 49 -1.46 -17.67 12.27
C ASN B 49 -0.19 -18.35 12.78
N GLY B 50 0.88 -17.57 12.93
CA GLY B 50 2.08 -18.08 13.55
C GLY B 50 3.03 -18.92 12.72
N VAL B 51 2.64 -19.25 11.48
CA VAL B 51 3.55 -19.93 10.55
C VAL B 51 4.00 -18.96 9.48
N CYS B 52 5.28 -19.05 9.11
CA CYS B 52 5.77 -18.28 7.98
C CYS B 52 5.73 -19.13 6.73
N TRP B 53 4.74 -18.88 5.88
CA TRP B 53 4.50 -19.65 4.67
C TRP B 53 5.21 -19.06 3.45
N THR B 54 5.44 -19.88 2.43
CA THR B 54 5.87 -19.38 1.12
C THR B 54 5.83 -20.46 0.04
N VAL B 55 6.01 -20.07 -1.23
CA VAL B 55 5.91 -21.04 -2.31
C VAL B 55 7.08 -22.01 -2.28
N TYR B 56 6.76 -23.29 -2.42
CA TYR B 56 7.76 -24.34 -2.47
C TYR B 56 8.64 -24.20 -3.71
N HIS B 57 8.08 -23.69 -4.80
CA HIS B 57 8.84 -23.53 -6.02
C HIS B 57 9.90 -22.43 -5.88
N GLY B 58 10.10 -21.97 -4.64
CA GLY B 58 11.15 -21.00 -4.38
C GLY B 58 12.01 -21.44 -3.22
N ALA B 59 11.38 -21.98 -2.19
CA ALA B 59 12.07 -22.34 -0.95
C ALA B 59 12.58 -23.77 -1.03
N GLY B 60 11.89 -24.58 -1.82
CA GLY B 60 12.15 -26.00 -1.83
C GLY B 60 12.08 -26.54 -0.41
N THR B 61 13.11 -27.28 -0.02
CA THR B 61 13.09 -28.00 1.24
C THR B 61 13.94 -27.34 2.34
N ARG B 62 14.58 -26.21 2.02
CA ARG B 62 15.65 -25.73 2.89
C ARG B 62 15.24 -25.02 4.15
N THR B 63 16.17 -24.99 5.10
CA THR B 63 15.94 -24.36 6.39
C THR B 63 15.86 -22.85 6.20
N ILE B 64 15.21 -22.15 7.13
CA ILE B 64 15.27 -20.69 7.14
C ILE B 64 16.33 -20.24 8.16
N ALA B 65 17.25 -19.39 7.73
CA ALA B 65 18.28 -18.87 8.62
C ALA B 65 17.57 -18.14 9.75
N SER B 66 18.12 -18.23 10.96
CA SER B 66 17.42 -17.75 12.15
C SER B 66 18.39 -17.48 13.31
N PRO B 67 17.95 -16.71 14.33
CA PRO B 67 18.83 -16.34 15.44
C PRO B 67 19.54 -17.53 16.06
N LYS B 68 18.91 -18.70 15.97
CA LYS B 68 19.42 -19.91 16.60
C LYS B 68 19.99 -20.90 15.60
N GLY B 69 20.38 -20.41 14.42
CA GLY B 69 20.87 -21.32 13.40
C GLY B 69 19.73 -21.77 12.49
N PRO B 70 20.00 -22.67 11.54
CA PRO B 70 18.95 -23.01 10.58
C PRO B 70 17.75 -23.65 11.25
N VAL B 71 16.60 -23.52 10.62
CA VAL B 71 15.34 -24.02 11.15
C VAL B 71 14.60 -24.82 10.09
N ILE B 72 14.22 -26.04 10.46
CA ILE B 72 13.55 -26.95 9.55
C ILE B 72 12.11 -26.52 9.29
N GLN B 73 11.63 -26.76 8.08
CA GLN B 73 10.26 -26.40 7.72
C GLN B 73 9.29 -27.20 8.59
N MET B 74 8.20 -26.56 9.02
CA MET B 74 7.13 -27.27 9.75
C MET B 74 6.23 -28.03 8.79
N TYR B 75 5.84 -27.38 7.70
CA TYR B 75 4.96 -28.01 6.73
C TYR B 75 5.62 -27.97 5.36
N THR B 76 5.56 -29.08 4.65
CA THR B 76 6.02 -29.12 3.28
C THR B 76 5.00 -29.85 2.44
N ASN B 77 4.47 -29.19 1.42
CA ASN B 77 3.48 -29.81 0.57
C ASN B 77 3.74 -29.44 -0.88
N VAL B 78 4.29 -30.39 -1.65
CA VAL B 78 4.79 -30.07 -2.98
C VAL B 78 3.66 -29.83 -3.96
N ASP B 79 2.61 -30.65 -3.85
CA ASP B 79 1.48 -30.54 -4.78
C ASP B 79 0.78 -29.20 -4.57
N GLN B 80 0.88 -28.69 -3.35
CA GLN B 80 0.29 -27.39 -2.99
C GLN B 80 1.15 -26.19 -3.35
N ASP B 81 2.44 -26.46 -3.61
CA ASP B 81 3.44 -25.42 -3.83
C ASP B 81 3.61 -24.61 -2.54
N LEU B 82 3.61 -25.31 -1.41
CA LEU B 82 3.64 -24.65 -0.11
C LEU B 82 4.82 -25.08 0.76
N VAL B 83 5.25 -24.17 1.61
CA VAL B 83 6.26 -24.47 2.63
C VAL B 83 5.96 -23.58 3.82
N GLY B 84 6.17 -24.09 5.03
CA GLY B 84 5.94 -23.29 6.22
C GLY B 84 7.03 -23.51 7.26
N TRP B 85 7.53 -22.43 7.85
CA TRP B 85 8.46 -22.51 8.98
C TRP B 85 7.77 -21.92 10.19
N PRO B 86 8.23 -22.26 11.40
CA PRO B 86 7.73 -21.50 12.56
C PRO B 86 8.01 -20.05 12.26
N ALA B 87 7.03 -19.17 12.47
CA ALA B 87 7.19 -17.77 12.11
C ALA B 87 8.24 -17.13 12.99
N PRO B 88 9.15 -16.34 12.39
CA PRO B 88 10.23 -15.61 13.06
C PRO B 88 9.80 -14.85 14.31
N GLN B 89 10.58 -14.99 15.39
CA GLN B 89 10.37 -14.17 16.57
C GLN B 89 10.48 -12.69 16.18
N GLY B 90 9.44 -11.94 16.52
CA GLY B 90 9.40 -10.54 16.13
C GLY B 90 8.45 -10.23 14.98
N SER B 91 8.16 -11.21 14.13
CA SER B 91 7.25 -10.99 13.00
C SER B 91 5.83 -10.88 13.54
N ARG B 92 4.91 -10.39 12.71
CA ARG B 92 3.49 -10.39 13.05
C ARG B 92 2.67 -11.18 12.01
N SER B 93 1.66 -11.91 12.47
CA SER B 93 0.89 -12.77 11.57
C SER B 93 -0.40 -12.11 11.08
N LEU B 94 -0.80 -12.46 9.86
CA LEU B 94 -2.14 -12.17 9.39
C LEU B 94 -3.05 -13.31 9.83
N THR B 95 -4.35 -13.01 9.94
CA THR B 95 -5.36 -14.06 10.13
C THR B 95 -6.04 -14.37 8.80
N PRO B 96 -6.52 -15.60 8.63
CA PRO B 96 -7.23 -15.95 7.39
C PRO B 96 -8.50 -15.13 7.30
N CYS B 97 -9.07 -15.03 6.10
CA CYS B 97 -10.29 -14.26 5.91
C CYS B 97 -11.52 -15.12 6.09
N THR B 98 -12.59 -14.47 6.55
CA THR B 98 -13.89 -15.11 6.78
C THR B 98 -15.05 -14.17 6.38
N CYS B 99 -14.87 -13.44 5.28
CA CYS B 99 -15.94 -12.60 4.72
C CYS B 99 -16.43 -13.13 3.37
N GLY B 100 -15.61 -13.94 2.70
CA GLY B 100 -16.00 -14.56 1.45
C GLY B 100 -15.96 -13.61 0.27
N SER B 101 -15.19 -12.53 0.39
CA SER B 101 -15.16 -11.49 -0.64
C SER B 101 -14.46 -11.92 -1.92
N SER B 102 -14.92 -11.35 -3.03
CA SER B 102 -14.34 -11.60 -4.33
C SER B 102 -13.43 -10.43 -4.71
N ASP B 103 -13.31 -9.47 -3.80
CA ASP B 103 -12.46 -8.31 -4.01
C ASP B 103 -11.15 -8.40 -3.23
N LEU B 104 -10.09 -8.79 -3.94
CA LEU B 104 -8.82 -9.15 -3.34
C LEU B 104 -7.76 -8.08 -3.60
N TYR B 105 -6.73 -8.07 -2.78
CA TYR B 105 -5.63 -7.11 -2.92
C TYR B 105 -4.28 -7.78 -2.76
N LEU B 106 -3.43 -7.62 -3.78
CA LEU B 106 -2.12 -8.26 -3.82
C LEU B 106 -1.01 -7.29 -3.41
N VAL B 107 -0.21 -7.69 -2.44
CA VAL B 107 0.94 -6.90 -2.02
C VAL B 107 2.19 -7.40 -2.75
N THR B 108 2.74 -6.59 -3.65
CA THR B 108 3.94 -7.00 -4.39
C THR B 108 5.18 -6.73 -3.54
N ARG B 109 6.32 -7.22 -4.01
CA ARG B 109 7.55 -7.08 -3.26
C ARG B 109 7.98 -5.62 -3.10
N HIS B 110 7.57 -4.78 -4.05
CA HIS B 110 7.92 -3.36 -4.03
C HIS B 110 6.96 -2.60 -3.11
N ALA B 111 6.22 -3.34 -2.29
CA ALA B 111 5.26 -2.75 -1.35
C ALA B 111 4.15 -1.99 -2.09
N ASP B 112 3.78 -2.50 -3.26
CA ASP B 112 2.62 -1.99 -3.99
C ASP B 112 1.43 -2.89 -3.67
N VAL B 113 0.24 -2.29 -3.64
CA VAL B 113 -1.01 -3.03 -3.46
C VAL B 113 -1.82 -2.97 -4.74
N ILE B 114 -1.90 -4.06 -5.49
CA ILE B 114 -2.66 -4.02 -6.73
C ILE B 114 -3.97 -4.77 -6.59
N PRO B 115 -5.10 -4.15 -6.99
CA PRO B 115 -6.43 -4.76 -6.81
C PRO B 115 -6.61 -5.95 -7.74
N VAL B 116 -7.17 -7.04 -7.21
CA VAL B 116 -7.43 -8.23 -8.00
C VAL B 116 -8.90 -8.65 -7.86
N ARG B 117 -9.56 -8.89 -9.00
CA ARG B 117 -10.92 -9.40 -8.99
C ARG B 117 -10.89 -10.91 -8.94
N ARG B 118 -11.60 -11.49 -7.99
CA ARG B 118 -11.57 -12.94 -7.84
C ARG B 118 -12.34 -13.61 -8.96
N ARG B 119 -11.81 -14.72 -9.48
CA ARG B 119 -12.44 -15.42 -10.60
C ARG B 119 -12.37 -16.94 -10.42
N GLY B 120 -12.46 -17.40 -9.17
CA GLY B 120 -12.33 -18.82 -8.91
C GLY B 120 -11.76 -19.12 -7.54
N ASP B 121 -11.49 -20.39 -7.26
CA ASP B 121 -10.95 -20.78 -5.96
C ASP B 121 -9.56 -20.21 -5.80
N SER B 122 -8.81 -20.28 -6.91
CA SER B 122 -7.40 -19.93 -6.90
C SER B 122 -7.03 -19.11 -8.13
N ARG B 123 -7.92 -18.20 -8.52
CA ARG B 123 -7.61 -17.26 -9.61
C ARG B 123 -8.26 -15.90 -9.44
N GLY B 124 -7.50 -14.86 -9.77
CA GLY B 124 -8.03 -13.51 -9.77
C GLY B 124 -7.50 -12.77 -10.98
N SER B 125 -8.24 -11.78 -11.43
CA SER B 125 -7.83 -11.02 -12.61
C SER B 125 -7.39 -9.62 -12.21
N LEU B 126 -6.28 -9.17 -12.77
CA LEU B 126 -5.78 -7.83 -12.50
C LEU B 126 -6.74 -6.82 -13.11
N LEU B 127 -7.29 -5.94 -12.29
CA LEU B 127 -8.15 -4.89 -12.79
C LEU B 127 -7.35 -4.00 -13.73
N SER B 128 -6.04 -3.96 -13.52
CA SER B 128 -5.15 -3.18 -14.37
C SER B 128 -3.96 -4.04 -14.75
N PRO B 129 -3.96 -4.57 -15.98
CA PRO B 129 -2.88 -5.47 -16.42
C PRO B 129 -1.52 -4.81 -16.31
N ARG B 130 -0.51 -5.62 -15.98
CA ARG B 130 0.82 -5.09 -15.76
C ARG B 130 1.89 -5.96 -16.38
N PRO B 131 3.06 -5.37 -16.62
CA PRO B 131 4.23 -6.05 -17.18
C PRO B 131 4.66 -7.18 -16.25
N ILE B 132 4.83 -8.37 -16.80
CA ILE B 132 5.02 -9.55 -15.96
C ILE B 132 6.17 -9.34 -14.96
N SER B 133 7.04 -8.38 -15.27
CA SER B 133 8.23 -8.12 -14.45
C SER B 133 7.87 -7.38 -13.15
N TYR B 134 6.81 -6.58 -13.20
CA TYR B 134 6.29 -5.90 -12.01
C TYR B 134 5.94 -6.93 -10.95
N LEU B 135 5.29 -7.99 -11.36
CA LEU B 135 4.86 -9.04 -10.44
C LEU B 135 6.02 -9.91 -9.98
N LYS B 136 7.10 -9.93 -10.74
CA LYS B 136 8.27 -10.76 -10.42
C LYS B 136 8.71 -10.56 -8.97
N GLY B 137 9.13 -11.64 -8.33
CA GLY B 137 9.63 -11.54 -6.98
C GLY B 137 8.57 -11.41 -5.91
N SER B 138 7.31 -11.67 -6.28
CA SER B 138 6.22 -11.51 -5.31
C SER B 138 5.53 -12.83 -4.99
N SER B 139 6.05 -13.91 -5.57
CA SER B 139 5.57 -15.26 -5.31
C SER B 139 5.63 -15.53 -3.79
N GLY B 140 4.49 -15.83 -3.19
CA GLY B 140 4.48 -16.12 -1.76
C GLY B 140 4.02 -14.94 -0.92
N GLY B 141 3.91 -13.76 -1.53
CA GLY B 141 3.35 -12.61 -0.84
C GLY B 141 1.83 -12.66 -0.79
N PRO B 142 1.21 -11.93 0.13
CA PRO B 142 -0.20 -12.13 0.51
C PRO B 142 -1.22 -11.56 -0.49
N LEU B 143 -2.38 -12.22 -0.61
CA LEU B 143 -3.57 -11.57 -1.14
C LEU B 143 -4.56 -11.28 0.01
N LEU B 144 -4.90 -10.01 0.17
CA LEU B 144 -5.76 -9.58 1.26
C LEU B 144 -7.20 -9.28 0.82
N CYS B 145 -8.16 -9.66 1.65
CA CYS B 145 -9.52 -9.15 1.54
C CYS B 145 -9.50 -7.72 2.08
N PRO B 146 -10.59 -6.97 1.90
CA PRO B 146 -10.55 -5.56 2.31
C PRO B 146 -10.19 -5.29 3.77
N ALA B 147 -10.56 -6.19 4.68
CA ALA B 147 -10.23 -5.97 6.09
C ALA B 147 -8.77 -6.31 6.36
N GLY B 148 -8.05 -6.67 5.29
CA GLY B 148 -6.64 -6.97 5.41
C GLY B 148 -6.37 -8.32 6.03
N HIS B 149 -7.22 -9.30 5.73
CA HIS B 149 -6.94 -10.67 6.15
C HIS B 149 -6.53 -11.51 4.96
N ALA B 150 -5.76 -12.55 5.22
CA ALA B 150 -5.15 -13.33 4.16
C ALA B 150 -6.18 -14.21 3.46
N VAL B 151 -6.24 -14.12 2.13
CA VAL B 151 -7.12 -14.96 1.35
C VAL B 151 -6.28 -16.02 0.62
N GLY B 152 -5.05 -15.64 0.29
CA GLY B 152 -4.14 -16.60 -0.31
C GLY B 152 -2.75 -16.04 -0.50
N LEU B 153 -1.82 -16.91 -0.88
CA LEU B 153 -0.50 -16.49 -1.29
C LEU B 153 -0.41 -16.48 -2.81
N PHE B 154 0.30 -15.51 -3.36
CA PHE B 154 0.51 -15.37 -4.80
C PHE B 154 1.39 -16.51 -5.31
N ARG B 155 0.93 -17.24 -6.32
CA ARG B 155 1.71 -18.39 -6.78
C ARG B 155 2.34 -18.21 -8.15
N ALA B 156 1.56 -17.71 -9.11
CA ALA B 156 2.09 -17.42 -10.43
C ALA B 156 1.19 -16.47 -11.21
N ALA B 157 1.76 -15.79 -12.19
CA ALA B 157 0.98 -14.84 -12.99
C ALA B 157 0.55 -15.45 -14.29
N VAL B 158 -0.56 -14.95 -14.84
CA VAL B 158 -1.01 -15.34 -16.17
C VAL B 158 -0.43 -14.37 -17.21
N CYS B 159 0.85 -14.57 -17.53
CA CYS B 159 1.54 -13.74 -18.51
C CYS B 159 0.97 -13.93 -19.92
N THR B 160 1.11 -12.89 -20.74
CA THR B 160 0.65 -12.90 -22.14
C THR B 160 1.40 -11.82 -22.92
N ARG B 161 2.24 -12.22 -23.87
CA ARG B 161 3.08 -11.26 -24.59
C ARG B 161 3.91 -10.45 -23.59
N GLY B 162 4.01 -10.95 -22.35
CA GLY B 162 4.79 -10.28 -21.34
C GLY B 162 3.92 -9.50 -20.37
N VAL B 163 2.62 -9.42 -20.64
CA VAL B 163 1.74 -8.66 -19.77
C VAL B 163 0.82 -9.59 -18.99
N ALA B 164 0.95 -9.54 -17.66
CA ALA B 164 0.14 -10.39 -16.80
C ALA B 164 -1.29 -9.82 -16.69
N LYS B 165 -2.27 -10.69 -16.92
CA LYS B 165 -3.67 -10.28 -16.92
C LYS B 165 -4.37 -10.81 -15.67
N ALA B 166 -3.89 -11.95 -15.16
CA ALA B 166 -4.49 -12.57 -14.00
C ALA B 166 -3.43 -13.20 -13.12
N VAL B 167 -3.78 -13.49 -11.87
CA VAL B 167 -2.87 -14.18 -10.96
C VAL B 167 -3.43 -15.52 -10.48
N ASP B 168 -2.53 -16.41 -10.10
CA ASP B 168 -2.89 -17.75 -9.74
C ASP B 168 -2.41 -17.99 -8.32
N PHE B 169 -3.32 -17.97 -7.36
CA PHE B 169 -2.92 -18.00 -5.95
C PHE B 169 -3.23 -19.29 -5.21
N ILE B 170 -2.61 -19.43 -4.04
CA ILE B 170 -2.84 -20.54 -3.12
C ILE B 170 -3.85 -20.11 -2.04
N PRO B 171 -5.03 -20.72 -2.03
CA PRO B 171 -6.10 -20.35 -1.07
C PRO B 171 -5.71 -20.65 0.36
N VAL B 172 -6.18 -19.83 1.29
CA VAL B 172 -5.87 -20.03 2.70
C VAL B 172 -6.23 -21.45 3.17
N GLU B 173 -7.24 -22.04 2.56
CA GLU B 173 -7.68 -23.38 2.97
C GLU B 173 -6.62 -24.42 2.73
N ASN B 174 -5.94 -24.35 1.59
CA ASN B 174 -4.86 -25.30 1.28
C ASN B 174 -3.78 -25.22 2.35
N LEU B 175 -3.75 -24.11 3.09
CA LEU B 175 -2.86 -23.98 4.24
C LEU B 175 -3.32 -24.91 5.35
N GLU B 176 -4.58 -24.75 5.75
CA GLU B 176 -5.14 -25.58 6.81
C GLU B 176 -5.10 -27.05 6.38
N THR B 177 -5.38 -27.30 5.12
CA THR B 177 -5.30 -28.63 4.53
C THR B 177 -3.90 -29.22 4.60
N THR B 178 -2.89 -28.37 4.42
CA THR B 178 -1.51 -28.83 4.47
C THR B 178 -1.12 -29.17 5.92
N MET B 179 -1.61 -28.38 6.87
CA MET B 179 -1.27 -28.60 8.26
C MET B 179 -1.84 -29.93 8.75
N ARG B 180 -3.10 -30.20 8.40
CA ARG B 180 -3.76 -31.44 8.81
C ARG B 180 -3.23 -32.62 8.04
N SER B 181 -2.68 -32.36 6.86
CA SER B 181 -2.23 -33.41 5.95
C SER B 181 -0.71 -33.56 5.97
N GLY C 2 2.03 36.73 -2.64
CA GLY C 2 2.31 35.61 -1.68
C GLY C 2 2.63 34.27 -2.33
N SER C 3 3.00 33.28 -1.52
CA SER C 3 3.39 31.96 -2.05
C SER C 3 3.01 30.83 -1.08
N VAL C 4 2.63 29.67 -1.61
CA VAL C 4 2.29 28.50 -0.78
C VAL C 4 3.56 27.79 -0.34
N VAL C 5 3.71 27.60 0.98
CA VAL C 5 4.87 26.90 1.52
C VAL C 5 4.47 25.55 2.13
N ILE C 6 5.36 24.56 2.01
CA ILE C 6 5.11 23.24 2.58
C ILE C 6 5.59 23.18 4.03
N VAL C 7 4.68 22.88 4.95
CA VAL C 7 4.99 23.00 6.36
C VAL C 7 5.11 21.66 7.09
N GLY C 8 4.96 20.59 6.35
CA GLY C 8 5.01 19.26 6.94
C GLY C 8 4.64 18.23 5.89
N ARG C 9 4.81 16.95 6.21
CA ARG C 9 4.47 15.89 5.24
C ARG C 9 3.81 14.67 5.84
N ILE C 10 2.92 14.05 5.07
CA ILE C 10 2.26 12.85 5.49
C ILE C 10 2.66 11.68 4.60
N VAL C 11 3.06 10.58 5.23
CA VAL C 11 3.38 9.33 4.54
C VAL C 11 2.28 8.31 4.80
N LEU C 12 1.54 7.94 3.76
CA LEU C 12 0.34 7.11 3.94
C LEU C 12 0.66 5.70 4.40
N SER C 13 1.81 5.18 3.97
CA SER C 13 2.26 3.84 4.37
C SER C 13 2.68 3.75 5.84
N GLY C 14 2.88 4.90 6.48
CA GLY C 14 3.32 4.90 7.86
C GLY C 14 4.81 4.64 8.01
N LYS C 15 5.52 4.57 6.89
CA LYS C 15 6.95 4.28 6.87
C LYS C 15 7.77 5.19 7.78
N PRO C 16 8.51 4.59 8.73
CA PRO C 16 9.45 5.24 9.65
C PRO C 16 10.77 5.63 9.00
N ALA C 17 11.35 6.74 9.47
CA ALA C 17 12.56 7.29 8.89
C ALA C 17 13.76 6.38 9.15
N LYS D 1 22.42 -27.80 1.25
CA LYS D 1 21.89 -26.63 0.48
C LYS D 1 21.58 -25.45 1.40
N GLY D 2 21.86 -24.24 0.93
CA GLY D 2 21.82 -23.07 1.80
C GLY D 2 20.44 -22.77 2.36
N SER D 3 20.41 -22.10 3.51
CA SER D 3 19.15 -21.67 4.08
C SER D 3 18.56 -20.49 3.29
N VAL D 4 17.23 -20.40 3.31
CA VAL D 4 16.53 -19.19 2.91
C VAL D 4 16.87 -18.14 3.95
N VAL D 5 17.36 -16.99 3.49
CA VAL D 5 17.72 -15.87 4.36
C VAL D 5 16.75 -14.73 4.16
N ILE D 6 16.38 -14.05 5.24
CA ILE D 6 15.55 -12.85 5.10
C ILE D 6 16.43 -11.67 4.71
N VAL D 7 16.02 -10.95 3.67
CA VAL D 7 16.80 -9.81 3.17
C VAL D 7 15.96 -8.54 3.08
N GLY D 8 14.78 -8.56 3.69
CA GLY D 8 13.94 -7.39 3.70
C GLY D 8 12.59 -7.71 4.32
N ARG D 9 11.75 -6.70 4.48
CA ARG D 9 10.40 -6.95 4.98
C ARG D 9 9.43 -5.99 4.34
N ILE D 10 8.14 -6.27 4.52
CA ILE D 10 7.10 -5.41 4.02
C ILE D 10 6.09 -5.25 5.13
N VAL D 11 5.74 -4.01 5.45
CA VAL D 11 4.89 -3.75 6.60
C VAL D 11 3.52 -3.21 6.21
N LEU D 12 2.50 -4.03 6.43
CA LEU D 12 1.12 -3.67 6.08
C LEU D 12 0.50 -2.78 7.17
N SER D 13 0.82 -3.11 8.42
CA SER D 13 0.24 -2.51 9.60
C SER D 13 0.66 -1.07 9.90
N GLY D 14 1.38 -0.43 8.98
CA GLY D 14 1.66 0.98 9.14
C GLY D 14 0.37 1.72 8.87
N LYS D 15 0.10 2.77 9.65
CA LYS D 15 -1.03 3.66 9.44
C LYS D 15 -0.48 5.03 9.05
N PRO D 16 -1.21 5.82 8.25
CA PRO D 16 -0.66 7.11 7.80
C PRO D 16 -0.14 7.90 8.99
N ALA D 17 1.05 8.49 8.82
CA ALA D 17 1.66 9.30 9.88
C ALA D 17 2.21 10.60 9.31
N ILE D 18 2.30 11.62 10.17
CA ILE D 18 3.01 12.84 9.82
C ILE D 18 4.51 12.59 9.97
N ILE D 19 5.28 12.78 8.90
CA ILE D 19 6.70 12.49 8.98
C ILE D 19 7.39 13.43 9.96
N PRO D 20 8.17 12.88 10.91
CA PRO D 20 8.92 13.65 11.91
C PRO D 20 10.02 14.52 11.31
N ALA D 21 10.13 15.75 11.81
CA ALA D 21 11.19 16.65 11.39
C ALA D 21 12.48 16.31 12.14
#